data_2FOE
#
_entry.id   2FOE
#
_cell.length_a   52.600
_cell.length_b   58.270
_cell.length_c   75.840
_cell.angle_alpha   90.00
_cell.angle_beta   90.00
_cell.angle_gamma   90.00
#
_symmetry.space_group_name_H-M   'P 21 21 21'
#
loop_
_entity.id
_entity.type
_entity.pdbx_description
1 polymer elastase-1
2 non-polymer 'CALCIUM ION'
3 non-polymer 'SULFATE ION'
4 non-polymer (2S)-HEX-5-ENE-1,2-DIOL
5 water water
#
_entity_poly.entity_id   1
_entity_poly.type   'polypeptide(L)'
_entity_poly.pdbx_seq_one_letter_code
;VVGGTEAQRNSWPSQISLQYRSGSSWAHTCGGTLIRQNWVMTAAHCVDRELTFRVVVGEHNLNQNNGTEQYVGVQKIVVH
PYWNTDDVAAGYDIALLRLAQSVTLNSYVQLGVLPRAGTILANNSPCYITGWGLTRTNGQLAQTLQQAYLPTVDYAICSS
SSYWGSTVKNSMVCAGGDGVRSGCQGDSGGPLHCLVNGQYAVHGVTSFVSRLGCNVTRKPTVFTRVSAYISWINNVIASN
;
_entity_poly.pdbx_strand_id   A
#
# COMPACT_ATOMS: atom_id res chain seq x y z
N VAL A 1 1.96 -10.76 0.55
CA VAL A 1 3.26 -10.69 1.29
C VAL A 1 3.94 -12.05 1.35
N VAL A 2 5.17 -12.12 0.84
CA VAL A 2 5.93 -13.36 0.85
C VAL A 2 6.81 -13.40 2.11
N GLY A 3 6.83 -14.55 2.77
CA GLY A 3 7.65 -14.69 3.97
C GLY A 3 7.15 -13.92 5.18
N GLY A 4 5.84 -13.71 5.29
CA GLY A 4 5.31 -12.99 6.41
C GLY A 4 4.64 -13.89 7.44
N THR A 5 4.03 -13.27 8.45
CA THR A 5 3.32 -14.00 9.50
C THR A 5 1.98 -13.30 9.69
N GLU A 6 0.98 -14.04 10.15
CA GLU A 6 -0.33 -13.44 10.36
C GLU A 6 -0.24 -12.33 11.39
N ALA A 7 -0.95 -11.23 11.13
CA ALA A 7 -0.94 -10.11 12.03
C ALA A 7 -2.05 -10.21 13.06
N GLN A 8 -1.85 -9.60 14.22
CA GLN A 8 -2.89 -9.60 15.25
C GLN A 8 -4.00 -8.77 14.62
N ARG A 9 -5.25 -9.18 14.83
CA ARG A 9 -6.38 -8.50 14.22
C ARG A 9 -6.64 -7.02 14.54
N ASN A 10 -5.83 -6.43 15.40
CA ASN A 10 -6.03 -5.02 15.74
C ASN A 10 -4.72 -4.26 15.70
N SER A 11 -3.72 -4.84 15.03
CA SER A 11 -2.41 -4.22 14.91
C SER A 11 -2.35 -3.06 13.91
N TRP A 12 -2.99 -3.22 12.76
CA TRP A 12 -2.96 -2.19 11.73
C TRP A 12 -4.36 -1.78 11.28
N PRO A 13 -5.07 -1.00 12.12
CA PRO A 13 -6.44 -0.51 11.87
C PRO A 13 -6.68 0.45 10.70
N SER A 14 -5.62 0.94 10.07
CA SER A 14 -5.79 1.85 8.94
C SER A 14 -5.73 1.08 7.62
N GLN A 15 -5.48 -0.22 7.69
CA GLN A 15 -5.40 -1.06 6.50
C GLN A 15 -6.78 -1.36 5.93
N ILE A 16 -6.93 -1.18 4.62
CA ILE A 16 -8.20 -1.46 3.98
C ILE A 16 -8.02 -2.41 2.79
N SER A 17 -9.10 -3.07 2.41
CA SER A 17 -9.09 -3.98 1.28
C SER A 17 -9.87 -3.34 0.14
N LEU A 18 -9.21 -3.18 -1.02
CA LEU A 18 -9.87 -2.61 -2.19
C LEU A 18 -10.38 -3.76 -3.04
N GLN A 19 -11.68 -3.77 -3.31
CA GLN A 19 -12.29 -4.84 -4.08
C GLN A 19 -13.13 -4.37 -5.28
N TYR A 20 -13.25 -5.23 -6.28
CA TYR A 20 -14.05 -4.90 -7.45
C TYR A 20 -15.07 -6.00 -7.66
N ARG A 21 -16.19 -5.65 -8.29
CA ARG A 21 -17.25 -6.60 -8.56
C ARG A 21 -16.98 -7.38 -9.83
N SER A 22 -17.01 -8.70 -9.72
CA SER A 22 -16.78 -9.57 -10.86
C SER A 22 -18.12 -10.25 -11.11
N GLY A 23 -18.93 -9.67 -11.98
CA GLY A 23 -20.22 -10.24 -12.27
C GLY A 23 -21.17 -10.07 -11.09
N SER A 24 -21.25 -11.09 -10.25
CA SER A 24 -22.13 -11.04 -9.08
C SER A 24 -21.37 -11.16 -7.77
N SER A 25 -20.05 -11.25 -7.83
CA SER A 25 -19.25 -11.37 -6.61
C SER A 25 -18.13 -10.34 -6.56
N TRP A 26 -17.54 -10.19 -5.38
CA TRP A 26 -16.44 -9.24 -5.18
C TRP A 26 -15.11 -9.96 -4.98
N ALA A 27 -14.05 -9.38 -5.51
CA ALA A 27 -12.72 -9.95 -5.40
C ALA A 27 -11.67 -8.91 -5.00
N HIS A 28 -10.83 -9.29 -4.03
CA HIS A 28 -9.77 -8.42 -3.54
C HIS A 28 -8.77 -8.18 -4.67
N THR A 29 -8.29 -6.95 -4.81
CA THR A 29 -7.32 -6.65 -5.86
C THR A 29 -6.13 -5.84 -5.35
N CYS A 30 -6.34 -5.02 -4.32
CA CYS A 30 -5.28 -4.20 -3.75
C CYS A 30 -5.52 -3.81 -2.32
N GLY A 31 -4.50 -3.20 -1.71
CA GLY A 31 -4.62 -2.71 -0.36
C GLY A 31 -4.74 -1.20 -0.44
N GLY A 32 -4.88 -0.56 0.72
CA GLY A 32 -5.00 0.88 0.78
C GLY A 32 -4.90 1.36 2.22
N THR A 33 -4.82 2.67 2.42
CA THR A 33 -4.74 3.22 3.77
C THR A 33 -5.83 4.29 4.01
N LEU A 34 -6.56 4.13 5.10
CA LEU A 34 -7.61 5.08 5.47
C LEU A 34 -6.91 6.32 6.04
N ILE A 35 -7.06 7.46 5.37
CA ILE A 35 -6.42 8.70 5.85
C ILE A 35 -7.43 9.74 6.35
N ARG A 36 -8.71 9.52 6.03
CA ARG A 36 -9.81 10.38 6.47
C ARG A 36 -11.00 9.43 6.59
N GLN A 37 -12.01 9.82 7.36
CA GLN A 37 -13.19 8.96 7.50
C GLN A 37 -13.82 8.67 6.16
N ASN A 38 -13.59 9.55 5.18
CA ASN A 38 -14.16 9.36 3.86
C ASN A 38 -13.12 9.39 2.73
N TRP A 39 -11.84 9.23 3.09
CA TRP A 39 -10.78 9.23 2.09
C TRP A 39 -9.82 8.06 2.26
N VAL A 40 -9.44 7.46 1.13
CA VAL A 40 -8.52 6.33 1.11
C VAL A 40 -7.37 6.58 0.13
N MET A 41 -6.15 6.27 0.56
CA MET A 41 -4.98 6.45 -0.28
C MET A 41 -4.55 5.08 -0.78
N THR A 42 -4.27 4.97 -2.09
CA THR A 42 -3.86 3.69 -2.67
C THR A 42 -2.97 3.94 -3.89
N ALA A 43 -2.68 2.88 -4.65
CA ALA A 43 -1.84 3.01 -5.84
C ALA A 43 -2.69 3.35 -7.05
N ALA A 44 -2.18 4.23 -7.92
CA ALA A 44 -2.89 4.60 -9.12
C ALA A 44 -3.12 3.40 -10.05
N HIS A 45 -2.16 2.48 -10.11
CA HIS A 45 -2.33 1.35 -11.02
C HIS A 45 -3.40 0.36 -10.57
N CYS A 46 -3.87 0.53 -9.34
CA CYS A 46 -4.92 -0.34 -8.81
C CYS A 46 -6.29 0.11 -9.31
N VAL A 47 -6.41 1.38 -9.64
CA VAL A 47 -7.68 1.94 -10.09
C VAL A 47 -7.60 2.43 -11.53
N ASP A 48 -6.64 1.91 -12.28
CA ASP A 48 -6.44 2.26 -13.69
C ASP A 48 -7.60 1.82 -14.55
N ARG A 49 -8.10 0.61 -14.28
CA ARG A 49 -9.18 0.03 -15.04
C ARG A 49 -10.53 0.59 -14.59
N GLU A 50 -11.49 0.60 -15.52
CA GLU A 50 -12.81 1.12 -15.19
C GLU A 50 -13.75 0.00 -14.76
N LEU A 51 -13.74 -0.25 -13.46
CA LEU A 51 -14.56 -1.29 -12.86
C LEU A 51 -15.27 -0.71 -11.65
N THR A 52 -16.16 -1.49 -11.05
CA THR A 52 -16.89 -1.04 -9.87
C THR A 52 -16.05 -1.42 -8.64
N PHE A 53 -15.72 -0.42 -7.81
CA PHE A 53 -14.90 -0.67 -6.63
C PHE A 53 -15.65 -0.43 -5.32
N ARG A 54 -15.15 -1.05 -4.26
CA ARG A 54 -15.70 -0.88 -2.92
C ARG A 54 -14.53 -1.07 -1.95
N VAL A 55 -14.63 -0.43 -0.79
CA VAL A 55 -13.60 -0.53 0.24
C VAL A 55 -14.14 -1.25 1.47
N VAL A 56 -13.31 -2.07 2.09
CA VAL A 56 -13.70 -2.78 3.29
C VAL A 56 -12.71 -2.41 4.39
N VAL A 57 -13.23 -1.85 5.48
CA VAL A 57 -12.39 -1.46 6.62
C VAL A 57 -12.68 -2.42 7.77
N GLY A 58 -11.74 -2.53 8.71
CA GLY A 58 -11.93 -3.42 9.85
C GLY A 58 -11.88 -4.89 9.47
N GLU A 59 -11.27 -5.18 8.33
CA GLU A 59 -11.17 -6.54 7.82
C GLU A 59 -9.92 -7.24 8.34
N HIS A 60 -10.01 -8.56 8.48
CA HIS A 60 -8.87 -9.37 8.93
C HIS A 60 -8.79 -10.65 8.10
N ASN A 61 -9.94 -11.31 7.97
CA ASN A 61 -10.04 -12.54 7.21
C ASN A 61 -11.00 -12.26 6.05
N LEU A 62 -10.48 -12.36 4.83
CA LEU A 62 -11.28 -12.08 3.63
C LEU A 62 -12.48 -13.00 3.39
N ASN A 63 -12.36 -14.28 3.76
CA ASN A 63 -13.44 -15.23 3.53
C ASN A 63 -14.33 -15.52 4.73
N GLN A 64 -14.00 -14.97 5.89
CA GLN A 64 -14.78 -15.21 7.10
C GLN A 64 -15.38 -13.92 7.64
N ASN A 65 -16.48 -14.04 8.37
CA ASN A 65 -17.12 -12.87 8.98
C ASN A 65 -16.45 -12.66 10.34
N ASN A 66 -15.74 -11.54 10.47
CA ASN A 66 -15.05 -11.21 11.71
C ASN A 66 -15.92 -10.46 12.69
N GLY A 67 -17.03 -9.89 12.21
CA GLY A 67 -17.93 -9.14 13.07
C GLY A 67 -17.45 -7.71 13.26
N THR A 68 -16.55 -7.26 12.40
CA THR A 68 -16.02 -5.91 12.52
C THR A 68 -15.90 -5.16 11.19
N GLU A 69 -16.30 -5.79 10.10
CA GLU A 69 -16.20 -5.17 8.78
C GLU A 69 -17.22 -4.05 8.52
N GLN A 70 -16.84 -3.15 7.63
CA GLN A 70 -17.67 -2.02 7.21
C GLN A 70 -17.44 -1.93 5.71
N TYR A 71 -18.52 -2.05 4.93
CA TYR A 71 -18.41 -1.99 3.48
C TYR A 71 -18.97 -0.68 2.96
N VAL A 72 -18.17 0.04 2.19
CA VAL A 72 -18.60 1.33 1.65
C VAL A 72 -18.14 1.50 0.21
N GLY A 73 -18.99 2.08 -0.61
CA GLY A 73 -18.64 2.28 -2.01
C GLY A 73 -17.71 3.45 -2.25
N VAL A 74 -17.18 3.53 -3.48
CA VAL A 74 -16.27 4.59 -3.87
C VAL A 74 -16.99 5.52 -4.84
N GLN A 75 -17.10 6.80 -4.49
CA GLN A 75 -17.81 7.73 -5.37
C GLN A 75 -16.92 8.59 -6.26
N LYS A 76 -15.65 8.73 -5.88
CA LYS A 76 -14.74 9.56 -6.67
C LYS A 76 -13.31 9.03 -6.64
N ILE A 77 -12.69 9.00 -7.81
CA ILE A 77 -11.31 8.52 -7.93
C ILE A 77 -10.43 9.62 -8.52
N VAL A 78 -9.47 10.07 -7.72
CA VAL A 78 -8.55 11.12 -8.15
C VAL A 78 -7.14 10.56 -8.29
N VAL A 79 -6.77 10.26 -9.53
CA VAL A 79 -5.46 9.72 -9.81
C VAL A 79 -4.49 10.88 -10.00
N HIS A 80 -3.23 10.68 -9.64
CA HIS A 80 -2.25 11.73 -9.82
C HIS A 80 -2.18 12.09 -11.30
N PRO A 81 -2.25 13.39 -11.63
CA PRO A 81 -2.20 13.89 -13.01
C PRO A 81 -1.01 13.48 -13.89
N TYR A 82 0.09 13.05 -13.28
CA TYR A 82 1.26 12.65 -14.07
C TYR A 82 1.41 11.13 -14.19
N TRP A 83 0.47 10.39 -13.63
CA TRP A 83 0.52 8.93 -13.70
C TRP A 83 0.38 8.44 -15.13
N ASN A 84 1.23 7.48 -15.49
CA ASN A 84 1.20 6.90 -16.82
C ASN A 84 1.26 5.38 -16.68
N THR A 85 0.14 4.74 -17.00
CA THR A 85 0.01 3.30 -16.90
C THR A 85 1.17 2.50 -17.52
N ASP A 86 1.70 2.98 -18.63
CA ASP A 86 2.80 2.28 -19.31
C ASP A 86 4.20 2.56 -18.76
N ASP A 87 4.31 3.39 -17.73
CA ASP A 87 5.61 3.71 -17.18
C ASP A 87 5.57 3.82 -15.66
N VAL A 88 5.37 2.69 -14.98
CA VAL A 88 5.30 2.65 -13.53
C VAL A 88 6.63 3.12 -12.96
N ALA A 89 7.72 2.87 -13.69
CA ALA A 89 9.05 3.26 -13.24
C ALA A 89 9.22 4.78 -13.22
N ALA A 90 8.27 5.49 -13.85
CA ALA A 90 8.33 6.95 -13.86
C ALA A 90 7.79 7.51 -12.55
N GLY A 91 7.15 6.66 -11.75
CA GLY A 91 6.59 7.09 -10.47
C GLY A 91 5.17 7.61 -10.56
N TYR A 92 4.77 8.39 -9.56
CA TYR A 92 3.43 8.98 -9.50
C TYR A 92 2.34 7.91 -9.33
N ASP A 93 2.72 6.76 -8.79
CA ASP A 93 1.77 5.67 -8.59
C ASP A 93 1.01 5.90 -7.29
N ILE A 94 0.04 6.82 -7.32
CA ILE A 94 -0.73 7.14 -6.13
C ILE A 94 -2.10 7.71 -6.51
N ALA A 95 -3.12 7.30 -5.79
CA ALA A 95 -4.48 7.77 -6.05
C ALA A 95 -5.25 7.95 -4.76
N LEU A 96 -6.25 8.84 -4.80
CA LEU A 96 -7.08 9.11 -3.64
C LEU A 96 -8.54 8.80 -3.97
N LEU A 97 -9.18 8.02 -3.10
CA LEU A 97 -10.57 7.64 -3.32
C LEU A 97 -11.49 8.28 -2.30
N ARG A 98 -12.50 9.01 -2.77
CA ARG A 98 -13.46 9.62 -1.86
C ARG A 98 -14.53 8.55 -1.67
N LEU A 99 -14.76 8.15 -0.43
CA LEU A 99 -15.76 7.13 -0.15
C LEU A 99 -17.16 7.73 -0.18
N ALA A 100 -18.15 6.91 -0.56
CA ALA A 100 -19.54 7.34 -0.63
C ALA A 100 -20.11 7.70 0.74
N GLN A 101 -19.48 7.19 1.79
CA GLN A 101 -19.92 7.44 3.16
C GLN A 101 -18.72 7.47 4.09
N SER A 102 -18.88 8.16 5.23
CA SER A 102 -17.81 8.24 6.22
C SER A 102 -17.89 7.03 7.13
N VAL A 103 -16.81 6.25 7.20
CA VAL A 103 -16.80 5.08 8.05
C VAL A 103 -16.81 5.51 9.51
N THR A 104 -17.20 4.58 10.39
CA THR A 104 -17.24 4.87 11.81
C THR A 104 -15.92 4.40 12.43
N LEU A 105 -15.24 5.30 13.13
CA LEU A 105 -13.97 4.94 13.75
C LEU A 105 -14.19 4.19 15.06
N ASN A 106 -13.33 3.21 15.32
CA ASN A 106 -13.37 2.43 16.53
C ASN A 106 -12.05 1.71 16.72
N SER A 107 -12.06 0.65 17.51
CA SER A 107 -10.84 -0.11 17.78
C SER A 107 -10.23 -0.79 16.55
N TYR A 108 -11.07 -1.14 15.57
CA TYR A 108 -10.60 -1.81 14.36
C TYR A 108 -10.48 -0.91 13.14
N VAL A 109 -10.96 0.33 13.28
CA VAL A 109 -10.92 1.28 12.18
C VAL A 109 -10.37 2.62 12.64
N GLN A 110 -9.13 2.91 12.24
CA GLN A 110 -8.45 4.15 12.61
C GLN A 110 -7.78 4.77 11.40
N LEU A 111 -7.41 6.05 11.52
CA LEU A 111 -6.75 6.75 10.43
C LEU A 111 -5.25 6.48 10.49
N GLY A 112 -4.62 6.38 9.33
CA GLY A 112 -3.19 6.15 9.31
C GLY A 112 -2.49 7.48 9.43
N VAL A 113 -1.33 7.49 10.10
CA VAL A 113 -0.55 8.71 10.27
C VAL A 113 0.40 8.92 9.09
N LEU A 114 0.34 10.11 8.50
CA LEU A 114 1.22 10.45 7.38
C LEU A 114 2.46 11.19 7.88
N PRO A 115 3.61 11.01 7.22
CA PRO A 115 4.85 11.67 7.61
C PRO A 115 4.88 13.14 7.21
N ARG A 116 5.82 13.89 7.77
CA ARG A 116 5.95 15.32 7.45
C ARG A 116 6.52 15.42 6.03
N ALA A 117 6.10 16.43 5.29
CA ALA A 117 6.55 16.62 3.92
C ALA A 117 8.07 16.56 3.76
N GLY A 118 8.52 15.87 2.70
CA GLY A 118 9.93 15.77 2.40
C GLY A 118 10.79 14.87 3.29
N THR A 119 10.16 14.19 4.24
CA THR A 119 10.91 13.32 5.14
C THR A 119 11.53 12.13 4.44
N ILE A 120 12.83 11.93 4.67
CA ILE A 120 13.58 10.83 4.10
C ILE A 120 14.06 9.94 5.26
N LEU A 121 13.84 8.64 5.16
CA LEU A 121 14.26 7.74 6.22
C LEU A 121 15.70 7.26 6.01
N ALA A 122 16.43 7.10 7.11
CA ALA A 122 17.81 6.65 7.04
C ALA A 122 17.82 5.22 6.53
N ASN A 123 18.96 4.79 5.98
CA ASN A 123 19.09 3.46 5.47
C ASN A 123 18.83 2.44 6.57
N ASN A 124 18.14 1.36 6.21
CA ASN A 124 17.83 0.28 7.13
C ASN A 124 16.90 0.64 8.30
N SER A 125 15.95 1.53 8.06
CA SER A 125 15.00 1.91 9.09
C SER A 125 13.97 0.80 9.25
N PRO A 126 13.49 0.59 10.48
CA PRO A 126 12.50 -0.46 10.77
C PRO A 126 11.09 -0.18 10.24
N CYS A 127 10.63 -1.01 9.32
CA CYS A 127 9.29 -0.86 8.74
C CYS A 127 8.64 -2.22 8.57
N TYR A 128 7.32 -2.21 8.43
CA TYR A 128 6.54 -3.42 8.23
C TYR A 128 5.60 -3.23 7.05
N ILE A 129 5.47 -4.24 6.21
CA ILE A 129 4.56 -4.17 5.08
C ILE A 129 3.39 -5.08 5.46
N THR A 130 2.17 -4.69 5.08
CA THR A 130 0.99 -5.50 5.38
C THR A 130 0.12 -5.67 4.14
N GLY A 131 -0.62 -6.78 4.09
CA GLY A 131 -1.48 -7.02 2.95
C GLY A 131 -1.97 -8.44 2.83
N TRP A 132 -2.94 -8.64 1.94
CA TRP A 132 -3.53 -9.96 1.68
C TRP A 132 -3.02 -10.52 0.35
N GLY A 133 -1.93 -9.92 -0.15
CA GLY A 133 -1.38 -10.35 -1.42
C GLY A 133 -0.78 -11.75 -1.44
N LEU A 134 -0.35 -12.17 -2.63
CA LEU A 134 0.28 -13.47 -2.83
C LEU A 134 1.35 -13.78 -1.78
N THR A 135 1.29 -14.98 -1.21
CA THR A 135 2.27 -15.41 -0.21
C THR A 135 3.46 -16.09 -0.86
N ARG A 136 3.37 -16.29 -2.16
CA ARG A 136 4.43 -16.92 -2.96
C ARG A 136 4.38 -16.37 -4.37
N THR A 137 5.52 -16.36 -5.06
CA THR A 137 5.53 -15.89 -6.43
C THR A 137 4.63 -16.85 -7.19
N ASN A 138 3.70 -16.31 -7.97
CA ASN A 138 2.75 -17.12 -8.74
C ASN A 138 1.90 -18.00 -7.83
N GLY A 139 1.76 -17.60 -6.57
CA GLY A 139 0.97 -18.36 -5.62
C GLY A 139 -0.47 -17.90 -5.49
N GLN A 140 -0.98 -17.87 -4.26
CA GLN A 140 -2.36 -17.43 -4.04
C GLN A 140 -2.46 -16.39 -2.93
N LEU A 141 -3.55 -15.65 -2.94
CA LEU A 141 -3.80 -14.61 -1.95
C LEU A 141 -3.86 -15.20 -0.55
N ALA A 142 -3.61 -14.36 0.45
CA ALA A 142 -3.67 -14.79 1.83
C ALA A 142 -5.10 -14.55 2.33
N GLN A 143 -5.61 -15.49 3.12
CA GLN A 143 -6.95 -15.37 3.69
C GLN A 143 -6.93 -14.37 4.82
N THR A 144 -5.86 -14.39 5.60
CA THR A 144 -5.70 -13.50 6.74
C THR A 144 -4.61 -12.46 6.51
N LEU A 145 -4.78 -11.28 7.08
CA LEU A 145 -3.81 -10.20 6.92
C LEU A 145 -2.40 -10.63 7.33
N GLN A 146 -1.45 -10.44 6.43
CA GLN A 146 -0.06 -10.81 6.69
C GLN A 146 0.81 -9.56 6.89
N GLN A 147 1.90 -9.73 7.64
CA GLN A 147 2.83 -8.63 7.88
C GLN A 147 4.24 -9.20 7.83
N ALA A 148 5.20 -8.36 7.46
CA ALA A 148 6.59 -8.80 7.38
C ALA A 148 7.55 -7.65 7.64
N TYR A 149 8.64 -7.93 8.34
CA TYR A 149 9.64 -6.94 8.65
C TYR A 149 10.37 -6.62 7.34
N LEU A 150 10.37 -5.35 6.94
CA LEU A 150 11.01 -4.95 5.69
C LEU A 150 11.73 -3.61 5.85
N PRO A 151 12.97 -3.62 6.34
CA PRO A 151 13.75 -2.39 6.53
C PRO A 151 14.07 -1.70 5.22
N THR A 152 14.18 -0.38 5.27
CA THR A 152 14.46 0.41 4.07
C THR A 152 15.88 0.26 3.55
N VAL A 153 16.04 0.59 2.28
CA VAL A 153 17.32 0.56 1.57
C VAL A 153 17.32 1.93 0.90
N ASP A 154 18.22 2.82 1.31
CA ASP A 154 18.23 4.17 0.76
C ASP A 154 18.45 4.29 -0.75
N TYR A 155 18.03 5.44 -1.29
CA TYR A 155 18.13 5.73 -2.71
C TYR A 155 19.51 5.44 -3.31
N ALA A 156 20.53 6.06 -2.73
CA ALA A 156 21.90 5.88 -3.19
C ALA A 156 22.15 4.42 -3.57
N ILE A 157 21.84 3.52 -2.64
CA ILE A 157 22.03 2.09 -2.83
C ILE A 157 21.01 1.47 -3.78
N CYS A 158 19.73 1.75 -3.55
CA CYS A 158 18.66 1.18 -4.37
C CYS A 158 18.78 1.53 -5.85
N SER A 159 19.29 2.72 -6.15
CA SER A 159 19.42 3.14 -7.54
C SER A 159 20.76 2.74 -8.16
N SER A 160 21.58 2.00 -7.40
CA SER A 160 22.87 1.55 -7.90
C SER A 160 22.63 0.41 -8.89
N SER A 161 23.58 0.19 -9.80
CA SER A 161 23.48 -0.85 -10.82
C SER A 161 23.19 -2.25 -10.29
N SER A 162 23.72 -2.57 -9.11
CA SER A 162 23.53 -3.88 -8.51
C SER A 162 22.11 -4.13 -7.98
N TYR A 163 21.30 -3.08 -7.90
CA TYR A 163 19.93 -3.20 -7.41
C TYR A 163 18.96 -2.88 -8.54
N TRP A 164 18.16 -1.82 -8.37
CA TRP A 164 17.20 -1.45 -9.41
C TRP A 164 17.80 -0.49 -10.45
N GLY A 165 18.93 0.10 -10.11
CA GLY A 165 19.57 1.02 -11.03
C GLY A 165 18.73 2.24 -11.32
N SER A 166 18.64 2.59 -12.60
CA SER A 166 17.90 3.76 -13.06
C SER A 166 16.38 3.61 -13.01
N THR A 167 15.90 2.41 -12.74
CA THR A 167 14.45 2.18 -12.67
C THR A 167 13.82 2.76 -11.40
N VAL A 168 14.65 3.06 -10.40
CA VAL A 168 14.18 3.63 -9.14
C VAL A 168 14.47 5.13 -9.07
N LYS A 169 13.45 5.91 -8.67
CA LYS A 169 13.60 7.35 -8.55
C LYS A 169 13.60 7.80 -7.09
N ASN A 170 13.96 9.06 -6.86
CA ASN A 170 14.01 9.64 -5.52
C ASN A 170 12.60 9.83 -4.94
N SER A 171 11.58 9.69 -5.77
CA SER A 171 10.20 9.83 -5.32
C SER A 171 9.66 8.46 -4.89
N MET A 172 10.56 7.51 -4.68
CA MET A 172 10.19 6.17 -4.26
C MET A 172 11.02 5.72 -3.06
N VAL A 173 10.51 4.71 -2.35
CA VAL A 173 11.21 4.16 -1.20
C VAL A 173 11.38 2.67 -1.45
N CYS A 174 12.56 2.15 -1.17
CA CYS A 174 12.83 0.74 -1.35
C CYS A 174 12.93 0.10 0.02
N ALA A 175 12.46 -1.14 0.14
CA ALA A 175 12.52 -1.84 1.41
C ALA A 175 12.64 -3.35 1.16
N GLY A 176 13.44 -4.01 1.98
CA GLY A 176 13.61 -5.45 1.84
C GLY A 176 14.73 -5.85 0.90
N GLY A 177 14.54 -6.96 0.20
CA GLY A 177 15.54 -7.43 -0.74
C GLY A 177 16.42 -8.56 -0.24
N ASP A 178 16.05 -9.16 0.88
CA ASP A 178 16.82 -10.26 1.45
C ASP A 178 16.51 -11.59 0.77
N GLY A 179 15.72 -11.53 -0.29
CA GLY A 179 15.36 -12.73 -1.04
C GLY A 179 14.39 -13.65 -0.32
N VAL A 180 13.89 -13.21 0.83
CA VAL A 180 12.96 -14.03 1.61
C VAL A 180 11.61 -13.36 1.86
N ARG A 181 11.65 -12.08 2.17
CA ARG A 181 10.42 -11.32 2.46
C ARG A 181 10.16 -10.22 1.43
N SER A 182 8.89 -10.00 1.12
CA SER A 182 8.53 -8.95 0.16
C SER A 182 7.03 -8.80 -0.07
N GLY A 183 6.68 -7.76 -0.82
CA GLY A 183 5.30 -7.54 -1.18
C GLY A 183 5.11 -8.42 -2.41
N CYS A 184 3.88 -8.65 -2.83
CA CYS A 184 3.63 -9.50 -4.01
C CYS A 184 2.27 -9.08 -4.55
N GLN A 185 1.94 -9.49 -5.76
CA GLN A 185 0.65 -9.12 -6.36
C GLN A 185 -0.47 -9.19 -5.32
N GLY A 186 -1.27 -8.14 -5.24
CA GLY A 186 -2.34 -8.10 -4.27
C GLY A 186 -2.04 -7.20 -3.09
N ASP A 187 -0.77 -6.83 -2.90
CA ASP A 187 -0.38 -5.93 -1.80
C ASP A 187 -0.31 -4.48 -2.27
N SER A 188 -0.28 -4.28 -3.59
CA SER A 188 -0.21 -2.94 -4.17
C SER A 188 -1.23 -1.99 -3.58
N GLY A 189 -0.84 -0.72 -3.44
CA GLY A 189 -1.73 0.28 -2.88
C GLY A 189 -1.68 0.27 -1.36
N GLY A 190 -1.15 -0.82 -0.80
CA GLY A 190 -1.05 -0.96 0.64
C GLY A 190 0.02 -0.11 1.29
N PRO A 191 0.06 -0.08 2.62
CA PRO A 191 1.04 0.71 3.36
C PRO A 191 2.34 0.05 3.75
N LEU A 192 3.34 0.91 3.95
CA LEU A 192 4.65 0.49 4.44
C LEU A 192 4.67 1.31 5.74
N HIS A 193 4.46 0.65 6.87
CA HIS A 193 4.45 1.32 8.16
C HIS A 193 5.88 1.39 8.69
N CYS A 194 6.33 2.60 9.03
CA CYS A 194 7.69 2.76 9.57
C CYS A 194 7.68 3.47 10.93
N LEU A 195 8.50 2.98 11.84
CA LEU A 195 8.60 3.52 13.20
C LEU A 195 9.48 4.78 13.22
N VAL A 196 8.87 5.91 13.53
CA VAL A 196 9.57 7.19 13.60
C VAL A 196 9.11 7.93 14.85
N ASN A 197 10.07 8.30 15.70
CA ASN A 197 9.76 9.02 16.94
C ASN A 197 8.73 8.30 17.80
N GLY A 198 8.89 6.98 17.93
CA GLY A 198 7.99 6.18 18.73
C GLY A 198 6.60 5.99 18.15
N GLN A 199 6.44 6.33 16.87
CA GLN A 199 5.14 6.21 16.23
C GLN A 199 5.26 5.55 14.85
N TYR A 200 4.28 4.76 14.46
CA TYR A 200 4.30 4.11 13.15
C TYR A 200 3.56 4.99 12.14
N ALA A 201 4.26 5.49 11.14
CA ALA A 201 3.65 6.33 10.11
C ALA A 201 3.74 5.64 8.76
N VAL A 202 2.77 5.92 7.89
CA VAL A 202 2.74 5.33 6.55
C VAL A 202 3.65 6.10 5.60
N HIS A 203 4.85 5.55 5.38
CA HIS A 203 5.82 6.20 4.51
C HIS A 203 5.78 5.75 3.07
N GLY A 204 5.04 4.68 2.79
CA GLY A 204 4.98 4.20 1.42
C GLY A 204 3.69 3.53 0.99
N VAL A 205 3.46 3.55 -0.32
CA VAL A 205 2.31 2.91 -0.95
C VAL A 205 2.95 1.89 -1.88
N THR A 206 2.70 0.61 -1.63
CA THR A 206 3.29 -0.44 -2.44
C THR A 206 3.01 -0.24 -3.93
N SER A 207 4.08 -0.19 -4.73
CA SER A 207 3.96 0.03 -6.16
C SER A 207 4.36 -1.16 -7.05
N PHE A 208 5.58 -1.66 -6.90
CA PHE A 208 5.99 -2.80 -7.72
C PHE A 208 7.16 -3.65 -7.22
N VAL A 209 7.33 -4.79 -7.90
CA VAL A 209 8.40 -5.73 -7.62
C VAL A 209 8.97 -6.20 -8.95
N SER A 210 9.99 -7.04 -8.89
CA SER A 210 10.64 -7.56 -10.08
C SER A 210 9.78 -8.50 -10.94
N ARG A 211 10.08 -8.51 -12.23
CA ARG A 211 9.38 -9.37 -13.20
C ARG A 211 9.85 -10.81 -12.95
N LEU A 212 11.05 -10.94 -12.40
CA LEU A 212 11.62 -12.24 -12.11
C LEU A 212 10.87 -12.93 -10.99
N GLY A 213 10.36 -12.15 -10.05
CA GLY A 213 9.63 -12.72 -8.94
C GLY A 213 9.43 -11.72 -7.83
N CYS A 214 8.60 -12.08 -6.85
CA CYS A 214 8.32 -11.18 -5.74
C CYS A 214 9.49 -11.04 -4.79
N ASN A 215 9.97 -12.15 -4.24
CA ASN A 215 11.11 -12.13 -3.33
C ASN A 215 12.38 -12.47 -4.10
N VAL A 216 13.10 -11.42 -4.53
CA VAL A 216 14.34 -11.58 -5.27
C VAL A 216 15.46 -10.78 -4.59
N THR A 217 16.59 -11.44 -4.36
CA THR A 217 17.73 -10.79 -3.71
C THR A 217 18.21 -9.58 -4.51
N ARG A 218 18.52 -8.49 -3.82
CA ARG A 218 18.98 -7.26 -4.45
C ARG A 218 17.88 -6.54 -5.24
N LYS A 219 16.65 -7.01 -5.10
CA LYS A 219 15.50 -6.41 -5.78
C LYS A 219 14.39 -6.12 -4.77
N PRO A 220 14.63 -5.16 -3.86
CA PRO A 220 13.62 -4.82 -2.86
C PRO A 220 12.31 -4.34 -3.44
N THR A 221 11.27 -4.38 -2.60
CA THR A 221 9.95 -3.93 -3.01
C THR A 221 10.02 -2.42 -3.12
N VAL A 222 9.39 -1.87 -4.16
CA VAL A 222 9.40 -0.43 -4.39
C VAL A 222 8.07 0.22 -4.02
N PHE A 223 8.15 1.34 -3.31
CA PHE A 223 6.96 2.06 -2.84
C PHE A 223 6.97 3.51 -3.28
N THR A 224 5.80 4.08 -3.46
CA THR A 224 5.68 5.49 -3.79
C THR A 224 6.01 6.17 -2.46
N ARG A 225 6.89 7.18 -2.48
CA ARG A 225 7.22 7.87 -1.23
C ARG A 225 6.14 8.88 -0.88
N VAL A 226 5.39 8.58 0.17
CA VAL A 226 4.30 9.43 0.63
C VAL A 226 4.73 10.86 0.99
N SER A 227 5.87 10.98 1.65
CA SER A 227 6.34 12.30 2.08
C SER A 227 6.60 13.27 0.92
N ALA A 228 6.63 12.77 -0.31
CA ALA A 228 6.86 13.64 -1.46
C ALA A 228 5.56 14.10 -2.09
N TYR A 229 4.43 13.67 -1.54
CA TYR A 229 3.14 14.04 -2.10
C TYR A 229 2.20 14.69 -1.09
N ILE A 230 2.72 15.05 0.07
CA ILE A 230 1.92 15.67 1.12
C ILE A 230 1.11 16.88 0.63
N SER A 231 1.74 17.78 -0.12
CA SER A 231 1.05 18.96 -0.62
C SER A 231 -0.08 18.56 -1.57
N TRP A 232 0.21 17.64 -2.49
CA TRP A 232 -0.78 17.19 -3.44
C TRP A 232 -1.98 16.56 -2.70
N ILE A 233 -1.67 15.72 -1.72
CA ILE A 233 -2.74 15.06 -0.95
C ILE A 233 -3.65 16.06 -0.25
N ASN A 234 -3.07 17.02 0.44
CA ASN A 234 -3.86 18.03 1.15
C ASN A 234 -4.64 18.92 0.19
N ASN A 235 -4.04 19.25 -0.95
CA ASN A 235 -4.72 20.08 -1.94
C ASN A 235 -5.96 19.37 -2.48
N VAL A 236 -5.88 18.05 -2.64
CA VAL A 236 -7.02 17.28 -3.14
C VAL A 236 -8.14 17.17 -2.10
N ILE A 237 -7.79 16.81 -0.87
CA ILE A 237 -8.80 16.68 0.17
C ILE A 237 -9.36 18.03 0.59
N ALA A 238 -8.67 19.11 0.22
CA ALA A 238 -9.12 20.44 0.57
C ALA A 238 -10.14 21.01 -0.43
N SER A 239 -10.09 20.52 -1.67
CA SER A 239 -11.01 21.00 -2.71
C SER A 239 -11.90 19.91 -3.30
N ASN A 240 -12.11 18.84 -2.53
CA ASN A 240 -12.95 17.73 -2.99
C ASN A 240 -13.80 17.17 -1.87
#